data_7PEG
#
_entry.id   7PEG
#
_cell.length_a   31.480
_cell.length_b   52.280
_cell.length_c   134.130
_cell.angle_alpha   90.000
_cell.angle_beta   90.000
_cell.angle_gamma   90.000
#
_symmetry.space_group_name_H-M   'P 21 21 21'
#
loop_
_entity.id
_entity.type
_entity.pdbx_description
1 polymer 'Probable spore germination lipoprotein YhcN'
2 water water
#
_entity_poly.entity_id   1
_entity_poly.type   'polypeptide(L)'
_entity_poly.pdbx_seq_one_letter_code
;SADQGEGRRDNNDVRNVNYRNPANDDMRNVNNRDNVDNNVNDNVNNNRVNDDNNNDRKLEVADEAADKVTDLKEVKHADI
IVAGNQAYVAVVLTNGNKGAVENNLKKKIAKKVRSTDKNIDNVYVSANPDFVERMQGYGKRIQNGDPIAGLFDEFTQTVQ
RVFPNAE
;
_entity_poly.pdbx_strand_id   A,B
#
# COMPACT_ATOMS: atom_id res chain seq x y z
N ARG A 57 9.43 -18.17 20.95
CA ARG A 57 9.24 -17.02 21.90
C ARG A 57 9.66 -15.71 21.21
N LYS A 58 10.53 -15.78 20.20
CA LYS A 58 10.97 -14.61 19.39
C LYS A 58 9.86 -14.26 18.39
N LEU A 59 9.25 -13.09 18.56
CA LEU A 59 8.25 -12.52 17.63
C LEU A 59 8.87 -11.28 16.99
N GLU A 60 8.87 -11.20 15.66
CA GLU A 60 9.44 -10.04 14.92
C GLU A 60 8.39 -9.51 13.93
N VAL A 61 8.21 -8.20 13.87
CA VAL A 61 7.43 -7.55 12.78
C VAL A 61 8.27 -7.63 11.51
N ALA A 62 7.69 -8.14 10.42
CA ALA A 62 8.38 -8.37 9.13
C ALA A 62 7.92 -7.30 8.13
N ASP A 63 8.43 -6.07 8.29
CA ASP A 63 8.02 -4.87 7.51
C ASP A 63 8.40 -5.06 6.02
N GLU A 64 9.60 -5.60 5.75
CA GLU A 64 10.05 -5.84 4.36
C GLU A 64 9.11 -6.85 3.70
N ALA A 65 8.74 -7.92 4.39
CA ALA A 65 7.82 -8.95 3.85
C ALA A 65 6.46 -8.30 3.54
N ALA A 66 5.95 -7.47 4.43
CA ALA A 66 4.61 -6.84 4.28
C ALA A 66 4.65 -5.92 3.04
N ASP A 67 5.77 -5.24 2.83
CA ASP A 67 5.94 -4.31 1.68
C ASP A 67 5.93 -5.13 0.38
N LYS A 68 6.58 -6.29 0.35
CA LYS A 68 6.62 -7.14 -0.87
C LYS A 68 5.21 -7.67 -1.10
N VAL A 69 4.46 -8.01 -0.06
CA VAL A 69 3.06 -8.52 -0.23
C VAL A 69 2.19 -7.41 -0.87
N THR A 70 2.35 -6.14 -0.49
CA THR A 70 1.49 -5.06 -1.07
C THR A 70 2.03 -4.57 -2.41
N ASP A 71 3.11 -5.16 -2.93
CA ASP A 71 3.45 -5.03 -4.37
C ASP A 71 2.43 -5.82 -5.21
N LEU A 72 1.68 -6.76 -4.62
CA LEU A 72 0.57 -7.45 -5.32
C LEU A 72 -0.60 -6.47 -5.49
N LYS A 73 -1.15 -6.39 -6.69
CA LYS A 73 -2.31 -5.50 -6.98
C LYS A 73 -3.50 -5.93 -6.10
N GLU A 74 -3.59 -7.21 -5.74
CA GLU A 74 -4.77 -7.79 -5.04
C GLU A 74 -4.77 -7.42 -3.57
N VAL A 75 -3.63 -7.00 -3.02
CA VAL A 75 -3.50 -6.81 -1.54
C VAL A 75 -3.24 -5.34 -1.25
N LYS A 76 -4.12 -4.73 -0.45
CA LYS A 76 -4.07 -3.29 -0.15
C LYS A 76 -3.18 -3.06 1.07
N HIS A 77 -3.25 -3.93 2.07
CA HIS A 77 -2.53 -3.76 3.35
C HIS A 77 -2.11 -5.12 3.89
N ALA A 78 -0.94 -5.23 4.48
CA ALA A 78 -0.48 -6.48 5.14
C ALA A 78 0.20 -6.14 6.47
N ASP A 79 -0.04 -6.98 7.49
CA ASP A 79 0.68 -6.95 8.77
C ASP A 79 1.20 -8.36 9.01
N ILE A 80 2.51 -8.47 9.23
CA ILE A 80 3.22 -9.78 9.26
C ILE A 80 4.09 -9.87 10.50
N ILE A 81 3.93 -10.96 11.24
CA ILE A 81 4.77 -11.30 12.41
C ILE A 81 5.37 -12.69 12.19
N VAL A 82 6.67 -12.79 12.37
CA VAL A 82 7.44 -14.04 12.16
C VAL A 82 7.84 -14.58 13.53
N ALA A 83 7.42 -15.81 13.82
CA ALA A 83 7.84 -16.60 15.00
C ALA A 83 8.68 -17.78 14.52
N GLY A 84 9.99 -17.56 14.40
CA GLY A 84 10.97 -18.55 13.94
C GLY A 84 10.91 -18.73 12.44
N ASN A 85 10.64 -19.94 12.00
CA ASN A 85 10.51 -20.30 10.57
C ASN A 85 9.05 -20.15 10.12
N GLN A 86 8.20 -19.45 10.90
CA GLN A 86 6.75 -19.34 10.60
C GLN A 86 6.33 -17.86 10.51
N ALA A 87 5.68 -17.51 9.41
CA ALA A 87 5.14 -16.17 9.14
C ALA A 87 3.63 -16.21 9.25
N TYR A 88 3.08 -15.28 10.00
CA TYR A 88 1.61 -15.05 10.13
C TYR A 88 1.27 -13.74 9.45
N VAL A 89 0.37 -13.80 8.47
CA VAL A 89 0.08 -12.68 7.53
C VAL A 89 -1.39 -12.34 7.62
N ALA A 90 -1.71 -11.13 8.09
CA ALA A 90 -3.05 -10.55 7.98
C ALA A 90 -3.07 -9.64 6.76
N VAL A 91 -4.08 -9.80 5.90
CA VAL A 91 -4.26 -8.99 4.67
C VAL A 91 -5.62 -8.31 4.65
N VAL A 92 -5.64 -7.10 4.07
CA VAL A 92 -6.85 -6.45 3.55
C VAL A 92 -6.79 -6.50 2.02
N LEU A 93 -7.74 -7.19 1.40
CA LEU A 93 -7.75 -7.40 -0.06
C LEU A 93 -8.37 -6.17 -0.74
N THR A 94 -7.87 -5.86 -1.90
CA THR A 94 -8.35 -4.76 -2.78
C THR A 94 -9.86 -4.91 -3.00
N ASN A 95 -10.34 -6.15 -3.17
CA ASN A 95 -11.73 -6.44 -3.57
C ASN A 95 -12.66 -6.49 -2.33
N GLY A 96 -12.10 -6.29 -1.14
CA GLY A 96 -12.88 -6.21 0.11
C GLY A 96 -13.35 -7.56 0.62
N ASN A 97 -12.95 -8.67 0.00
CA ASN A 97 -13.31 -10.05 0.45
C ASN A 97 -12.65 -10.32 1.81
N LYS A 98 -13.44 -10.66 2.83
CA LYS A 98 -12.94 -10.91 4.21
C LYS A 98 -13.11 -12.38 4.57
N GLY A 99 -13.46 -13.21 3.59
CA GLY A 99 -13.54 -14.67 3.75
C GLY A 99 -12.19 -15.32 3.53
N ALA A 100 -12.17 -16.65 3.44
CA ALA A 100 -10.96 -17.45 3.16
C ALA A 100 -10.26 -16.83 1.95
N VAL A 101 -8.96 -16.60 2.03
CA VAL A 101 -8.19 -16.07 0.89
C VAL A 101 -8.11 -17.18 -0.17
N GLU A 102 -8.41 -16.81 -1.41
CA GLU A 102 -8.41 -17.72 -2.58
C GLU A 102 -7.04 -18.37 -2.67
N ASN A 103 -6.97 -19.66 -3.00
CA ASN A 103 -5.75 -20.48 -2.80
C ASN A 103 -4.57 -19.93 -3.63
N ASN A 104 -4.82 -19.51 -4.87
CA ASN A 104 -3.76 -19.02 -5.80
C ASN A 104 -3.15 -17.72 -5.28
N LEU A 105 -3.98 -16.81 -4.79
CA LEU A 105 -3.49 -15.55 -4.16
C LEU A 105 -2.70 -15.87 -2.88
N LYS A 106 -3.13 -16.84 -2.08
CA LYS A 106 -2.38 -17.26 -0.86
C LYS A 106 -0.98 -17.69 -1.30
N LYS A 107 -0.88 -18.46 -2.38
CA LYS A 107 0.45 -18.95 -2.87
C LYS A 107 1.33 -17.78 -3.27
N LYS A 108 0.77 -16.80 -3.98
CA LYS A 108 1.52 -15.59 -4.45
C LYS A 108 1.99 -14.77 -3.24
N ILE A 109 1.11 -14.62 -2.24
CA ILE A 109 1.47 -13.93 -0.96
C ILE A 109 2.64 -14.68 -0.31
N ALA A 110 2.55 -16.00 -0.21
CA ALA A 110 3.57 -16.83 0.49
C ALA A 110 4.91 -16.68 -0.26
N LYS A 111 4.88 -16.64 -1.58
CA LYS A 111 6.11 -16.49 -2.42
C LYS A 111 6.78 -15.14 -2.12
N LYS A 112 6.00 -14.06 -2.03
CA LYS A 112 6.50 -12.71 -1.65
C LYS A 112 7.19 -12.79 -0.30
N VAL A 113 6.54 -13.42 0.70
CA VAL A 113 7.08 -13.46 2.10
C VAL A 113 8.41 -14.22 2.07
N ARG A 114 8.42 -15.41 1.47
CA ARG A 114 9.61 -16.32 1.52
C ARG A 114 10.80 -15.66 0.80
N SER A 115 10.53 -14.77 -0.15
CA SER A 115 11.57 -14.07 -0.94
C SER A 115 12.41 -13.18 -0.03
N THR A 116 11.91 -12.78 1.15
CA THR A 116 12.56 -11.76 2.02
C THR A 116 13.47 -12.43 3.05
N ASP A 117 13.32 -13.74 3.26
CA ASP A 117 13.94 -14.44 4.42
C ASP A 117 14.00 -15.93 4.11
N LYS A 118 15.20 -16.44 3.84
CA LYS A 118 15.42 -17.86 3.44
C LYS A 118 15.01 -18.78 4.61
N ASN A 119 14.88 -18.25 5.83
CA ASN A 119 14.56 -19.09 7.03
C ASN A 119 13.06 -19.40 7.11
N ILE A 120 12.21 -18.64 6.40
CA ILE A 120 10.73 -18.83 6.47
C ILE A 120 10.34 -19.99 5.55
N ASP A 121 9.73 -21.03 6.12
CA ASP A 121 9.15 -22.16 5.36
C ASP A 121 7.62 -22.00 5.33
N ASN A 122 6.98 -21.90 6.50
CA ASN A 122 5.49 -21.95 6.60
C ASN A 122 4.95 -20.52 6.63
N VAL A 123 3.95 -20.23 5.80
CA VAL A 123 3.29 -18.89 5.71
C VAL A 123 1.80 -19.08 5.86
N TYR A 124 1.23 -18.49 6.89
CA TYR A 124 -0.20 -18.55 7.21
C TYR A 124 -0.84 -17.23 6.80
N VAL A 125 -1.93 -17.26 6.03
CA VAL A 125 -2.56 -16.02 5.47
C VAL A 125 -4.04 -16.00 5.84
N SER A 126 -4.50 -14.91 6.40
CA SER A 126 -5.94 -14.67 6.67
C SER A 126 -6.31 -13.22 6.40
N ALA A 127 -7.54 -13.00 5.92
CA ALA A 127 -8.20 -11.69 5.72
C ALA A 127 -9.28 -11.47 6.80
N ASN A 128 -9.38 -12.38 7.77
CA ASN A 128 -10.41 -12.28 8.86
C ASN A 128 -10.28 -10.91 9.54
N PRO A 129 -11.35 -10.10 9.60
CA PRO A 129 -11.27 -8.71 10.09
C PRO A 129 -10.77 -8.57 11.54
N ASP A 130 -11.16 -9.48 12.42
CA ASP A 130 -10.68 -9.49 13.84
C ASP A 130 -9.16 -9.77 13.83
N PHE A 131 -8.71 -10.72 13.03
CA PHE A 131 -7.28 -11.07 12.92
C PHE A 131 -6.46 -9.85 12.47
N VAL A 132 -6.96 -9.14 11.46
CA VAL A 132 -6.34 -7.90 10.94
C VAL A 132 -6.17 -6.92 12.10
N GLU A 133 -7.24 -6.67 12.86
CA GLU A 133 -7.20 -5.76 14.03
C GLU A 133 -6.14 -6.24 15.03
N ARG A 134 -6.19 -7.51 15.43
CA ARG A 134 -5.29 -8.06 16.46
C ARG A 134 -3.82 -7.91 16.00
N MET A 135 -3.53 -8.25 14.74
CA MET A 135 -2.14 -8.22 14.20
C MET A 135 -1.63 -6.78 14.10
N GLN A 136 -2.50 -5.82 13.82
CA GLN A 136 -2.11 -4.38 13.77
C GLN A 136 -1.72 -3.93 15.18
N GLY A 137 -2.48 -4.37 16.18
CA GLY A 137 -2.21 -4.08 17.61
C GLY A 137 -0.91 -4.72 18.07
N TYR A 138 -0.70 -6.01 17.79
CA TYR A 138 0.54 -6.75 18.17
C TYR A 138 1.76 -6.07 17.52
N GLY A 139 1.67 -5.73 16.23
CA GLY A 139 2.76 -5.06 15.49
C GLY A 139 3.18 -3.74 16.17
N LYS A 140 2.21 -2.91 16.53
CA LYS A 140 2.48 -1.59 17.19
C LYS A 140 3.20 -1.83 18.51
N ARG A 141 2.74 -2.79 19.33
CA ARG A 141 3.32 -3.07 20.67
C ARG A 141 4.78 -3.51 20.52
N ILE A 142 5.07 -4.42 19.60
CA ILE A 142 6.45 -4.94 19.35
C ILE A 142 7.36 -3.80 18.93
N GLN A 143 6.94 -2.99 17.97
CA GLN A 143 7.81 -1.96 17.35
C GLN A 143 8.01 -0.81 18.34
N ASN A 144 7.09 -0.64 19.30
CA ASN A 144 7.17 0.41 20.36
C ASN A 144 8.04 -0.09 21.53
N GLY A 145 8.46 -1.35 21.51
CA GLY A 145 9.46 -1.91 22.43
C GLY A 145 8.84 -2.63 23.62
N ASP A 146 7.54 -2.92 23.59
CA ASP A 146 6.85 -3.70 24.68
C ASP A 146 7.46 -5.10 24.77
N PRO A 147 7.51 -5.70 25.98
CA PRO A 147 8.09 -7.03 26.14
C PRO A 147 7.25 -8.10 25.41
N ILE A 148 7.91 -8.96 24.64
CA ILE A 148 7.29 -10.13 23.95
C ILE A 148 6.56 -11.01 24.99
N ALA A 149 7.07 -11.08 26.22
CA ALA A 149 6.49 -11.84 27.35
C ALA A 149 5.07 -11.32 27.66
N GLY A 150 4.84 -10.02 27.50
CA GLY A 150 3.55 -9.36 27.78
C GLY A 150 2.45 -9.79 26.79
N LEU A 151 2.81 -10.28 25.58
CA LEU A 151 1.83 -10.54 24.49
C LEU A 151 2.01 -11.90 23.82
N PHE A 152 3.02 -12.69 24.15
CA PHE A 152 3.28 -13.99 23.49
C PHE A 152 2.08 -14.93 23.68
N ASP A 153 1.50 -14.97 24.88
CA ASP A 153 0.38 -15.89 25.20
C ASP A 153 -0.86 -15.46 24.39
N GLU A 154 -1.16 -14.16 24.33
CA GLU A 154 -2.27 -13.58 23.51
C GLU A 154 -2.06 -13.94 22.04
N PHE A 155 -0.89 -13.63 21.49
CA PHE A 155 -0.53 -13.93 20.08
C PHE A 155 -0.78 -15.40 19.78
N THR A 156 -0.26 -16.28 20.65
CA THR A 156 -0.39 -17.73 20.47
C THR A 156 -1.87 -18.10 20.37
N GLN A 157 -2.70 -17.55 21.24
CA GLN A 157 -4.17 -17.85 21.25
C GLN A 157 -4.78 -17.38 19.91
N THR A 158 -4.43 -16.19 19.45
CA THR A 158 -4.97 -15.61 18.19
C THR A 158 -4.67 -16.56 17.02
N VAL A 159 -3.42 -17.00 16.87
CA VAL A 159 -3.00 -17.76 15.65
C VAL A 159 -3.50 -19.21 15.76
N GLN A 160 -3.64 -19.73 16.97
CA GLN A 160 -4.26 -21.08 17.18
C GLN A 160 -5.74 -21.02 16.81
N ARG A 161 -6.43 -19.90 17.06
CA ARG A 161 -7.84 -19.74 16.64
C ARG A 161 -7.91 -19.59 15.11
N VAL A 162 -7.09 -18.73 14.54
CA VAL A 162 -7.23 -18.34 13.11
C VAL A 162 -6.68 -19.45 12.22
N PHE A 163 -5.66 -20.18 12.70
CA PHE A 163 -4.95 -21.22 11.92
C PHE A 163 -4.92 -22.53 12.71
N PRO A 164 -6.08 -23.18 12.91
CA PRO A 164 -6.16 -24.45 13.63
C PRO A 164 -5.44 -25.60 12.91
N ASN A 165 -4.90 -26.57 13.67
CA ASN A 165 -4.30 -27.84 13.17
C ASN A 165 -4.74 -28.13 11.73
N LEU B 59 -7.85 10.85 -19.84
CA LEU B 59 -7.73 11.20 -18.36
C LEU B 59 -8.60 10.26 -17.52
N GLU B 60 -7.99 9.49 -16.63
CA GLU B 60 -8.72 8.62 -15.67
C GLU B 60 -8.20 8.87 -14.25
N VAL B 61 -9.11 8.95 -13.28
CA VAL B 61 -8.79 8.95 -11.84
C VAL B 61 -8.41 7.51 -11.44
N ALA B 62 -7.22 7.32 -10.90
CA ALA B 62 -6.66 5.99 -10.59
C ALA B 62 -6.80 5.72 -9.08
N ASP B 63 -8.01 5.41 -8.63
CA ASP B 63 -8.39 5.29 -7.19
C ASP B 63 -7.68 4.08 -6.56
N GLU B 64 -7.58 2.97 -7.27
CA GLU B 64 -6.88 1.74 -6.78
C GLU B 64 -5.39 2.10 -6.54
N ALA B 65 -4.76 2.79 -7.50
CA ALA B 65 -3.34 3.20 -7.38
C ALA B 65 -3.19 4.17 -6.19
N ALA B 66 -4.12 5.10 -6.02
CA ALA B 66 -4.07 6.10 -4.92
C ALA B 66 -4.15 5.36 -3.58
N ASP B 67 -5.00 4.34 -3.50
CA ASP B 67 -5.19 3.54 -2.26
C ASP B 67 -3.86 2.86 -1.89
N LYS B 68 -3.13 2.32 -2.87
CA LYS B 68 -1.83 1.64 -2.60
C LYS B 68 -0.83 2.67 -2.12
N VAL B 69 -0.87 3.89 -2.69
CA VAL B 69 0.13 4.93 -2.30
C VAL B 69 -0.20 5.41 -0.88
N THR B 70 -1.48 5.49 -0.53
CA THR B 70 -1.94 5.98 0.80
C THR B 70 -1.63 4.91 1.88
N ASP B 71 -1.33 3.67 1.49
CA ASP B 71 -0.99 2.61 2.47
C ASP B 71 0.41 2.85 3.01
N LEU B 72 1.24 3.61 2.31
CA LEU B 72 2.67 3.83 2.71
C LEU B 72 2.65 4.73 3.94
N LYS B 73 3.42 4.37 4.98
CA LYS B 73 3.47 5.07 6.29
C LYS B 73 3.64 6.60 6.06
N GLU B 74 4.48 6.94 5.09
CA GLU B 74 5.01 8.31 4.86
C GLU B 74 3.95 9.20 4.22
N VAL B 75 2.92 8.61 3.61
CA VAL B 75 1.90 9.32 2.79
C VAL B 75 0.60 9.39 3.56
N LYS B 76 0.04 10.58 3.72
CA LYS B 76 -1.28 10.75 4.37
C LYS B 76 -2.37 10.52 3.32
N HIS B 77 -2.24 11.14 2.16
CA HIS B 77 -3.24 11.04 1.09
C HIS B 77 -2.61 11.25 -0.29
N ALA B 78 -3.19 10.62 -1.30
CA ALA B 78 -2.70 10.63 -2.69
C ALA B 78 -3.88 10.81 -3.64
N ASP B 79 -3.66 11.63 -4.67
CA ASP B 79 -4.59 11.86 -5.80
C ASP B 79 -3.83 11.54 -7.07
N ILE B 80 -4.39 10.69 -7.93
CA ILE B 80 -3.66 10.15 -9.10
C ILE B 80 -4.56 10.20 -10.31
N ILE B 81 -4.06 10.78 -11.40
CA ILE B 81 -4.71 10.75 -12.74
C ILE B 81 -3.74 10.13 -13.74
N VAL B 82 -4.23 9.20 -14.55
CA VAL B 82 -3.45 8.54 -15.63
C VAL B 82 -3.89 9.13 -16.97
N ALA B 83 -2.94 9.71 -17.70
CA ALA B 83 -3.12 10.36 -19.02
C ALA B 83 -2.26 9.61 -20.02
N GLY B 84 -2.90 8.84 -20.90
CA GLY B 84 -2.23 7.85 -21.76
C GLY B 84 -1.70 6.70 -20.94
N ASN B 85 -0.39 6.49 -20.97
CA ASN B 85 0.30 5.47 -20.15
C ASN B 85 1.26 6.18 -19.17
N GLN B 86 0.87 7.37 -18.72
CA GLN B 86 1.64 8.20 -17.74
C GLN B 86 0.77 8.50 -16.50
N ALA B 87 1.32 8.29 -15.31
CA ALA B 87 0.64 8.51 -14.02
C ALA B 87 1.14 9.80 -13.39
N TYR B 88 0.23 10.64 -12.93
CA TYR B 88 0.55 11.89 -12.23
C TYR B 88 0.00 11.79 -10.83
N VAL B 89 0.90 11.88 -9.85
CA VAL B 89 0.62 11.62 -8.42
C VAL B 89 0.87 12.91 -7.63
N ALA B 90 -0.18 13.43 -7.03
CA ALA B 90 -0.11 14.45 -5.97
C ALA B 90 -0.18 13.76 -4.61
N VAL B 91 0.76 14.06 -3.72
CA VAL B 91 0.80 13.46 -2.35
C VAL B 91 0.79 14.57 -1.31
N VAL B 92 0.12 14.29 -0.20
CA VAL B 92 0.27 15.00 1.09
C VAL B 92 0.99 14.04 2.03
N LEU B 93 2.19 14.39 2.46
CA LEU B 93 3.04 13.52 3.31
C LEU B 93 2.62 13.66 4.77
N THR B 94 2.77 12.57 5.52
CA THR B 94 2.43 12.46 6.95
C THR B 94 3.22 13.55 7.70
N ASN B 95 4.47 13.82 7.29
CA ASN B 95 5.36 14.80 7.99
C ASN B 95 5.17 16.23 7.45
N GLY B 96 4.28 16.43 6.51
CA GLY B 96 3.94 17.76 5.97
C GLY B 96 5.00 18.38 5.07
N ASN B 97 6.04 17.65 4.65
CA ASN B 97 7.05 18.16 3.68
CA ASN B 97 7.04 18.19 3.70
C ASN B 97 6.36 18.38 2.33
N LYS B 98 6.39 19.61 1.83
CA LYS B 98 5.72 20.05 0.59
C LYS B 98 6.77 20.34 -0.48
N GLY B 99 8.06 20.08 -0.19
CA GLY B 99 9.15 20.24 -1.16
C GLY B 99 9.27 19.03 -2.04
N ALA B 100 10.29 19.03 -2.91
CA ALA B 100 10.59 17.92 -3.84
C ALA B 100 10.53 16.59 -3.07
N VAL B 101 9.80 15.60 -3.58
CA VAL B 101 9.66 14.28 -2.88
C VAL B 101 10.99 13.53 -3.01
N GLU B 102 11.48 13.02 -1.88
CA GLU B 102 12.75 12.28 -1.74
C GLU B 102 12.74 11.10 -2.74
N ASN B 103 13.88 10.84 -3.37
CA ASN B 103 13.98 9.95 -4.55
C ASN B 103 13.51 8.52 -4.21
N ASN B 104 13.87 7.98 -3.05
CA ASN B 104 13.55 6.58 -2.65
C ASN B 104 12.04 6.43 -2.44
N LEU B 105 11.41 7.40 -1.78
CA LEU B 105 9.94 7.41 -1.60
C LEU B 105 9.26 7.51 -2.98
N LYS B 106 9.76 8.35 -3.89
CA LYS B 106 9.21 8.45 -5.27
C LYS B 106 9.24 7.06 -5.92
N LYS B 107 10.34 6.36 -5.78
CA LYS B 107 10.53 5.02 -6.41
C LYS B 107 9.51 4.03 -5.84
N LYS B 108 9.29 4.05 -4.52
CA LYS B 108 8.37 3.12 -3.85
C LYS B 108 6.94 3.46 -4.26
N ILE B 109 6.60 4.75 -4.34
CA ILE B 109 5.27 5.22 -4.85
C ILE B 109 5.07 4.67 -6.26
N ALA B 110 6.07 4.80 -7.12
CA ALA B 110 5.99 4.41 -8.54
C ALA B 110 5.77 2.89 -8.64
N LYS B 111 6.44 2.11 -7.79
CA LYS B 111 6.28 0.64 -7.75
C LYS B 111 4.82 0.29 -7.43
N LYS B 112 4.23 0.96 -6.44
CA LYS B 112 2.84 0.68 -5.99
C LYS B 112 1.89 1.04 -7.14
N VAL B 113 2.14 2.14 -7.84
CA VAL B 113 1.25 2.62 -8.92
C VAL B 113 1.32 1.61 -10.08
N ARG B 114 2.52 1.22 -10.49
CA ARG B 114 2.72 0.32 -11.66
C ARG B 114 2.08 -1.04 -11.39
N SER B 115 1.97 -1.44 -10.13
CA SER B 115 1.38 -2.74 -9.73
C SER B 115 -0.09 -2.81 -10.17
N THR B 116 -0.76 -1.67 -10.38
CA THR B 116 -2.21 -1.61 -10.65
C THR B 116 -2.53 -1.70 -12.16
N ASP B 117 -1.55 -1.47 -13.04
CA ASP B 117 -1.79 -1.33 -14.51
C ASP B 117 -0.46 -1.53 -15.23
N LYS B 118 -0.30 -2.65 -15.94
CA LYS B 118 0.94 -3.03 -16.66
C LYS B 118 1.29 -1.95 -17.69
N ASN B 119 0.32 -1.17 -18.12
CA ASN B 119 0.44 -0.21 -19.25
C ASN B 119 1.08 1.10 -18.77
N ILE B 120 1.06 1.37 -17.45
CA ILE B 120 1.65 2.63 -16.89
C ILE B 120 3.16 2.55 -17.05
N ASP B 121 3.75 3.58 -17.65
CA ASP B 121 5.20 3.71 -17.88
C ASP B 121 5.77 4.66 -16.81
N ASN B 122 5.76 5.96 -17.10
CA ASN B 122 6.35 7.00 -16.24
C ASN B 122 5.37 7.32 -15.10
N VAL B 123 5.89 7.58 -13.91
CA VAL B 123 5.12 8.03 -12.72
C VAL B 123 5.75 9.32 -12.22
N TYR B 124 5.00 10.42 -12.29
CA TYR B 124 5.44 11.76 -11.84
C TYR B 124 4.82 12.05 -10.48
N VAL B 125 5.64 12.43 -9.51
CA VAL B 125 5.19 12.63 -8.11
C VAL B 125 5.54 14.04 -7.64
N SER B 126 4.57 14.72 -7.05
CA SER B 126 4.79 16.04 -6.42
C SER B 126 3.94 16.18 -5.19
N ALA B 127 4.48 16.86 -4.18
CA ALA B 127 3.81 17.26 -2.93
C ALA B 127 3.50 18.77 -2.95
N ASN B 128 3.71 19.43 -4.09
CA ASN B 128 3.45 20.89 -4.23
C ASN B 128 1.99 21.16 -3.88
N PRO B 129 1.69 22.04 -2.90
CA PRO B 129 0.32 22.22 -2.41
C PRO B 129 -0.66 22.74 -3.47
N ASP B 130 -0.21 23.61 -4.37
CA ASP B 130 -1.06 24.09 -5.48
C ASP B 130 -1.42 22.92 -6.38
N PHE B 131 -0.44 22.06 -6.69
CA PHE B 131 -0.66 20.86 -7.55
C PHE B 131 -1.70 19.94 -6.89
N VAL B 132 -1.57 19.71 -5.59
CA VAL B 132 -2.54 18.88 -4.80
C VAL B 132 -3.95 19.45 -5.00
N GLU B 133 -4.13 20.76 -4.80
CA GLU B 133 -5.44 21.43 -4.97
C GLU B 133 -5.95 21.21 -6.40
N ARG B 134 -5.13 21.49 -7.40
CA ARG B 134 -5.53 21.42 -8.82
C ARG B 134 -5.96 19.99 -9.16
N MET B 135 -5.16 19.00 -8.74
CA MET B 135 -5.43 17.57 -9.02
C MET B 135 -6.74 17.14 -8.35
N GLN B 136 -7.05 17.66 -7.17
CA GLN B 136 -8.31 17.31 -6.46
C GLN B 136 -9.50 17.89 -7.25
N GLY B 137 -9.34 19.10 -7.80
CA GLY B 137 -10.37 19.73 -8.64
C GLY B 137 -10.60 18.97 -9.94
N TYR B 138 -9.51 18.59 -10.63
CA TYR B 138 -9.58 17.82 -11.89
C TYR B 138 -10.24 16.46 -11.62
N GLY B 139 -9.88 15.80 -10.53
CA GLY B 139 -10.45 14.48 -10.15
C GLY B 139 -11.95 14.55 -10.02
N LYS B 140 -12.46 15.55 -9.31
CA LYS B 140 -13.92 15.75 -9.15
C LYS B 140 -14.57 15.92 -10.52
N ARG B 141 -14.02 16.77 -11.39
CA ARG B 141 -14.60 17.07 -12.72
C ARG B 141 -14.62 15.80 -13.60
N ILE B 142 -13.56 15.00 -13.58
CA ILE B 142 -13.50 13.71 -14.35
C ILE B 142 -14.65 12.79 -13.87
N GLN B 143 -14.77 12.59 -12.57
CA GLN B 143 -15.70 11.58 -11.98
C GLN B 143 -17.14 12.09 -12.10
N ASN B 144 -17.33 13.40 -12.25
CA ASN B 144 -18.67 14.03 -12.40
C ASN B 144 -19.05 14.09 -13.90
N GLY B 145 -18.16 13.66 -14.80
CA GLY B 145 -18.46 13.50 -16.23
C GLY B 145 -18.43 14.84 -17.01
N ASP B 146 -17.66 15.82 -16.55
CA ASP B 146 -17.42 17.09 -17.31
C ASP B 146 -16.65 16.75 -18.59
N PRO B 147 -16.82 17.54 -19.68
CA PRO B 147 -16.23 17.21 -20.98
C PRO B 147 -14.69 17.13 -20.93
N ILE B 148 -14.10 16.04 -21.43
CA ILE B 148 -12.63 15.81 -21.35
C ILE B 148 -11.91 16.86 -22.23
N ALA B 149 -12.63 17.48 -23.17
CA ALA B 149 -12.13 18.50 -24.16
C ALA B 149 -11.19 19.53 -23.47
N GLY B 150 -11.77 20.62 -22.94
CA GLY B 150 -11.02 21.73 -22.32
C GLY B 150 -10.33 21.31 -21.01
N LEU B 151 -10.85 20.28 -20.35
CA LEU B 151 -10.31 19.68 -19.11
C LEU B 151 -8.93 19.08 -19.39
N PHE B 152 -8.79 18.35 -20.51
CA PHE B 152 -7.50 17.75 -20.94
C PHE B 152 -6.46 18.86 -21.14
N ASP B 153 -6.87 19.98 -21.75
CA ASP B 153 -6.01 21.15 -22.02
C ASP B 153 -5.47 21.70 -20.69
N GLU B 154 -6.36 21.99 -19.76
CA GLU B 154 -6.04 22.54 -18.41
C GLU B 154 -5.05 21.60 -17.70
N PHE B 155 -5.38 20.31 -17.66
CA PHE B 155 -4.54 19.26 -17.02
C PHE B 155 -3.14 19.30 -17.64
N THR B 156 -3.07 19.28 -18.96
CA THR B 156 -1.80 19.28 -19.72
C THR B 156 -0.96 20.47 -19.28
N GLN B 157 -1.56 21.67 -19.20
CA GLN B 157 -0.87 22.92 -18.78
C GLN B 157 -0.27 22.72 -17.38
N THR B 158 -1.06 22.22 -16.43
CA THR B 158 -0.66 22.05 -15.02
C THR B 158 0.58 21.14 -14.97
N VAL B 159 0.55 19.97 -15.61
CA VAL B 159 1.59 18.92 -15.41
C VAL B 159 2.86 19.32 -16.19
N GLN B 160 2.73 20.06 -17.28
CA GLN B 160 3.90 20.64 -17.99
C GLN B 160 4.60 21.69 -17.11
N ARG B 161 3.85 22.44 -16.33
CA ARG B 161 4.44 23.42 -15.39
C ARG B 161 5.09 22.69 -14.20
N VAL B 162 4.43 21.70 -13.63
CA VAL B 162 4.90 21.02 -12.39
C VAL B 162 6.06 20.07 -12.75
N PHE B 163 6.01 19.45 -13.93
CA PHE B 163 6.97 18.41 -14.36
C PHE B 163 7.62 18.82 -15.69
N PRO B 164 8.50 19.84 -15.70
CA PRO B 164 9.19 20.25 -16.92
C PRO B 164 10.20 19.20 -17.39
N ASN B 165 10.42 19.11 -18.71
CA ASN B 165 11.32 18.13 -19.38
C ASN B 165 12.55 17.86 -18.51
#